data_5AJN
#
_entry.id   5AJN
#
_cell.length_a   87.351
_cell.length_b   87.351
_cell.length_c   178.433
_cell.angle_alpha   90.00
_cell.angle_beta   90.00
_cell.angle_gamma   90.00
#
_symmetry.space_group_name_H-M   'I 41'
#
loop_
_entity.id
_entity.type
_entity.pdbx_description
1 polymer 'POLYPEPTIDE N-ACETYLGALACTOSAMINYLTRANSFERASE 2'
2 polymer MUCIN
3 non-polymer 'SULFATE ION'
4 non-polymer 1,2-ETHANEDIOL
5 non-polymer 2-acetamido-2-deoxy-alpha-D-galactopyranose
6 water water
#
loop_
_entity_poly.entity_id
_entity_poly.type
_entity_poly.pdbx_seq_one_letter_code
_entity_poly.pdbx_strand_id
1 'polypeptide(L)'
;MRRRSRMLLCFAFLWVLGIAYYMYSGGGSALAGGAGGGAGRKEDWNEIDPIKKKDLHHSNGEEKAQSMETLPPGKVRWPD
FNQEAYVGGTMVRSGQDPYARNKFNQVESDKLRMDRAIPDTRHDQCQRKQWRVDLPATSVVITFHNEARSALLRTVVSVL
KKSPPHLIKEIILVDDYSNDPEDGALLGKIEKVRVLRNDRREGLMRSRVRGADAAQAKVLTFLDSHCECNEHWLEPLLER
VAEDRTRVVSPIIDVINMDNFQYVGASADLKGGFDWNLVFKWDYMTPEQRRSRQGNPVAPIKTPMIAGGLFVMDKFYFEE
LGKYDMMMDVWGGENLEISFRVWQCGGSLEIIPCSRVGHVFRKQHPYTFPGGSGTVFARNTRRAAEVWMDEYKNFYYAAV
PSARNVPYGNIQSRLELRKKLSCKPFKWYLENVYPELRVPDHQDIAFGALQQGTNCLDTLGHFADGVVGVYECHNAGGNQ
EWALTKEKSVKHMDLCLTVVDRAPGSLIKLQGCREDDSRQKWEQIEGNSKLRHVGSNLCLDSRTAKSGGLSVEVCGPALS
QQWKFTLNLQQ
;
A
2 'polypeptide(L)' GTTPSPVPTTSTCSAA P
#
# COMPACT_ATOMS: atom_id res chain seq x y z
N LYS A 75 -37.92 -7.14 -4.88
CA LYS A 75 -36.70 -6.75 -5.67
C LYS A 75 -36.91 -5.38 -6.23
N VAL A 76 -35.94 -4.48 -6.04
CA VAL A 76 -36.11 -3.13 -6.62
C VAL A 76 -34.93 -2.80 -7.51
N ARG A 77 -35.24 -2.10 -8.62
CA ARG A 77 -34.23 -1.53 -9.48
C ARG A 77 -33.55 -0.43 -8.69
N TRP A 78 -32.26 -0.30 -8.91
CA TRP A 78 -31.48 0.57 -8.04
C TRP A 78 -32.01 1.98 -8.05
N PRO A 79 -32.46 2.53 -9.22
CA PRO A 79 -32.97 3.90 -9.11
C PRO A 79 -34.13 4.05 -8.14
N ASP A 80 -34.85 2.96 -7.87
CA ASP A 80 -36.03 3.08 -7.00
C ASP A 80 -35.72 2.83 -5.56
N PHE A 81 -34.44 2.62 -5.26
CA PHE A 81 -34.07 2.28 -3.90
C PHE A 81 -34.14 3.56 -3.07
N ASN A 82 -34.71 3.46 -1.91
CA ASN A 82 -34.94 4.64 -1.02
C ASN A 82 -33.70 4.91 -0.12
N GLN A 83 -32.82 5.72 -0.65
CA GLN A 83 -31.56 6.12 -0.03
C GLN A 83 -31.82 6.79 1.30
N GLU A 84 -32.81 7.67 1.37
CA GLU A 84 -32.97 8.54 2.55
C GLU A 84 -33.46 7.68 3.70
N ALA A 85 -34.26 6.69 3.38
CA ALA A 85 -34.71 5.74 4.41
C ALA A 85 -33.57 4.79 4.84
N TYR A 86 -32.69 4.40 3.90
CA TYR A 86 -31.62 3.54 4.27
C TYR A 86 -30.60 4.23 5.13
N VAL A 87 -30.20 5.42 4.75
CA VAL A 87 -29.13 6.08 5.49
C VAL A 87 -29.72 6.48 6.86
N GLY A 88 -30.93 7.04 6.81
CA GLY A 88 -31.83 6.96 7.96
C GLY A 88 -31.38 7.44 9.33
N GLY A 89 -31.61 6.59 10.31
CA GLY A 89 -31.20 6.78 11.67
C GLY A 89 -29.73 6.67 11.93
N THR A 90 -28.94 6.25 10.93
CA THR A 90 -27.48 6.26 11.08
C THR A 90 -26.80 7.62 10.81
N MET A 91 -27.53 8.67 10.47
CA MET A 91 -26.88 9.98 10.30
C MET A 91 -26.22 10.45 11.56
N VAL A 92 -25.24 11.31 11.40
CA VAL A 92 -24.44 11.83 12.52
C VAL A 92 -25.28 12.89 13.28
N ARG A 93 -25.41 12.71 14.56
CA ARG A 93 -26.04 13.73 15.38
C ARG A 93 -25.10 14.91 15.63
N SER A 94 -25.68 16.09 15.88
CA SER A 94 -24.79 17.25 16.15
C SER A 94 -23.99 17.01 17.45
N GLY A 95 -22.69 17.06 17.41
CA GLY A 95 -21.97 16.74 18.64
C GLY A 95 -21.23 15.44 18.53
N GLN A 96 -21.69 14.55 17.61
CA GLN A 96 -21.00 13.31 17.39
C GLN A 96 -19.87 13.51 16.37
N ASP A 97 -18.77 12.80 16.57
CA ASP A 97 -17.58 12.87 15.67
C ASP A 97 -17.99 12.33 14.25
N PRO A 98 -17.97 13.20 13.24
CA PRO A 98 -18.37 12.71 11.90
C PRO A 98 -17.49 11.61 11.38
N TYR A 99 -16.29 11.51 11.91
CA TYR A 99 -15.27 10.57 11.44
C TYR A 99 -15.29 9.28 12.21
N ALA A 100 -16.21 9.11 13.16
CA ALA A 100 -16.16 8.00 14.11
C ALA A 100 -16.46 6.60 13.49
N ARG A 101 -17.42 6.52 12.56
CA ARG A 101 -17.86 5.22 12.02
C ARG A 101 -16.74 4.55 11.22
N ASN A 102 -16.12 5.27 10.28
CA ASN A 102 -15.08 4.68 9.41
C ASN A 102 -13.99 5.61 8.93
N LYS A 103 -13.48 6.52 9.80
CA LYS A 103 -12.33 7.34 9.48
C LYS A 103 -12.43 8.29 8.30
N PHE A 104 -13.63 8.59 7.85
CA PHE A 104 -13.81 9.67 6.88
C PHE A 104 -15.04 10.45 7.25
N ASN A 105 -15.27 11.60 6.63
CA ASN A 105 -16.34 12.45 7.14
C ASN A 105 -17.68 11.95 6.69
N GLN A 106 -18.40 11.29 7.56
CA GLN A 106 -19.72 10.78 7.25
C GLN A 106 -20.79 11.83 6.90
N VAL A 107 -20.68 13.02 7.49
CA VAL A 107 -21.60 14.09 7.26
C VAL A 107 -21.55 14.41 5.77
N GLU A 108 -20.36 14.58 5.23
CA GLU A 108 -20.24 14.82 3.82
C GLU A 108 -20.61 13.63 2.97
N SER A 109 -20.23 12.41 3.37
CA SER A 109 -20.72 11.23 2.58
C SER A 109 -22.26 11.20 2.49
N ASP A 110 -22.89 11.52 3.61
CA ASP A 110 -24.34 11.39 3.66
C ASP A 110 -25.05 12.45 2.84
N LYS A 111 -24.37 13.54 2.51
CA LYS A 111 -24.97 14.61 1.72
CA LYS A 111 -24.94 14.62 1.72
C LYS A 111 -25.02 14.23 0.26
N LEU A 112 -24.24 13.22 -0.17
CA LEU A 112 -24.21 12.89 -1.58
C LEU A 112 -25.32 11.95 -1.96
N ARG A 113 -25.81 12.06 -3.18
CA ARG A 113 -26.70 11.04 -3.65
C ARG A 113 -25.94 9.79 -4.02
N MET A 114 -26.68 8.70 -4.00
CA MET A 114 -26.16 7.36 -4.30
C MET A 114 -25.56 7.25 -5.70
N ASP A 115 -26.10 8.00 -6.66
CA ASP A 115 -25.68 8.01 -8.03
C ASP A 115 -25.04 9.34 -8.43
N ARG A 116 -24.34 10.01 -7.48
CA ARG A 116 -23.83 11.33 -7.72
C ARG A 116 -22.88 11.33 -8.93
N ALA A 117 -22.97 12.32 -9.81
CA ALA A 117 -21.99 12.49 -10.89
C ALA A 117 -20.59 12.70 -10.42
N ILE A 118 -19.65 12.07 -11.15
CA ILE A 118 -18.22 12.24 -10.92
C ILE A 118 -17.52 12.55 -12.22
N PRO A 119 -16.38 13.22 -12.14
CA PRO A 119 -15.73 13.61 -13.41
C PRO A 119 -15.07 12.42 -14.02
N ASP A 120 -15.02 12.44 -15.35
CA ASP A 120 -14.35 11.41 -16.12
C ASP A 120 -12.89 11.75 -16.17
N THR A 121 -12.10 11.03 -15.36
CA THR A 121 -10.69 11.29 -15.26
C THR A 121 -9.80 10.44 -16.20
N ARG A 122 -10.40 9.69 -17.11
CA ARG A 122 -9.64 8.94 -18.07
C ARG A 122 -8.93 9.86 -19.08
N HIS A 123 -7.79 9.40 -19.58
CA HIS A 123 -7.15 10.02 -20.70
C HIS A 123 -8.06 9.98 -21.92
N ASP A 124 -8.01 11.01 -22.79
CA ASP A 124 -8.81 11.09 -23.97
C ASP A 124 -8.77 9.87 -24.91
N GLN A 125 -7.61 9.23 -25.03
CA GLN A 125 -7.52 8.01 -25.85
C GLN A 125 -8.49 6.90 -25.38
N CYS A 126 -8.83 6.87 -24.09
CA CYS A 126 -9.62 5.80 -23.58
C CYS A 126 -11.06 5.85 -24.14
N GLN A 127 -11.48 7.02 -24.59
CA GLN A 127 -12.82 7.20 -25.14
C GLN A 127 -12.95 6.64 -26.54
N ARG A 128 -11.86 6.28 -27.15
CA ARG A 128 -11.93 5.76 -28.52
C ARG A 128 -11.78 4.24 -28.58
N LYS A 129 -12.31 3.52 -27.60
CA LYS A 129 -12.06 2.07 -27.47
C LYS A 129 -13.44 1.47 -27.50
N GLN A 130 -13.51 0.34 -28.23
CA GLN A 130 -14.71 -0.42 -28.36
C GLN A 130 -14.54 -1.82 -27.85
N TRP A 131 -15.55 -2.43 -27.22
CA TRP A 131 -15.37 -3.82 -26.75
C TRP A 131 -16.37 -4.83 -27.30
N ARG A 132 -15.94 -6.10 -27.37
CA ARG A 132 -16.88 -7.16 -27.79
C ARG A 132 -18.02 -7.31 -26.79
N VAL A 133 -19.18 -7.66 -27.27
CA VAL A 133 -20.29 -7.89 -26.43
C VAL A 133 -20.17 -9.18 -25.63
N ASP A 134 -19.27 -10.05 -26.03
CA ASP A 134 -19.13 -11.39 -25.43
C ASP A 134 -17.98 -11.43 -24.35
N LEU A 135 -17.56 -10.29 -23.86
CA LEU A 135 -16.63 -10.29 -22.73
C LEU A 135 -17.29 -11.09 -21.62
N PRO A 136 -16.48 -11.82 -20.84
CA PRO A 136 -17.07 -12.64 -19.77
C PRO A 136 -17.63 -11.82 -18.61
N ALA A 137 -18.76 -12.22 -18.08
CA ALA A 137 -19.41 -11.52 -16.99
C ALA A 137 -18.60 -11.87 -15.74
N THR A 138 -18.81 -11.01 -14.77
CA THR A 138 -18.11 -11.12 -13.49
C THR A 138 -19.07 -11.14 -12.29
N SER A 139 -18.65 -11.82 -11.25
CA SER A 139 -19.26 -11.72 -9.94
C SER A 139 -18.41 -10.71 -9.14
N VAL A 140 -19.06 -9.65 -8.69
CA VAL A 140 -18.37 -8.57 -7.94
C VAL A 140 -18.52 -8.90 -6.46
N VAL A 141 -17.44 -9.05 -5.75
CA VAL A 141 -17.49 -9.48 -4.35
C VAL A 141 -17.00 -8.29 -3.51
N ILE A 142 -17.90 -7.72 -2.67
CA ILE A 142 -17.56 -6.61 -1.78
C ILE A 142 -17.64 -7.08 -0.31
N THR A 143 -16.51 -7.13 0.33
CA THR A 143 -16.48 -7.42 1.77
C THR A 143 -16.56 -6.11 2.55
N PHE A 144 -17.16 -6.13 3.73
CA PHE A 144 -17.23 -4.96 4.57
C PHE A 144 -17.44 -5.26 6.03
N HIS A 145 -17.05 -4.27 6.83
CA HIS A 145 -17.23 -4.34 8.29
C HIS A 145 -17.51 -2.92 8.84
N ASN A 146 -18.72 -2.71 9.33
CA ASN A 146 -19.14 -1.40 9.89
C ASN A 146 -18.84 -0.25 8.90
N GLU A 147 -19.32 -0.41 7.68
CA GLU A 147 -19.13 0.63 6.69
C GLU A 147 -20.15 1.70 6.92
N ALA A 148 -19.86 2.92 6.49
CA ALA A 148 -20.88 3.94 6.50
C ALA A 148 -21.93 3.57 5.43
N ARG A 149 -23.20 3.57 5.81
CA ARG A 149 -24.23 3.19 4.91
C ARG A 149 -24.23 3.99 3.63
N SER A 150 -24.01 5.29 3.69
CA SER A 150 -24.09 6.05 2.43
C SER A 150 -22.98 5.55 1.50
N ALA A 151 -21.78 5.28 2.05
CA ALA A 151 -20.66 4.93 1.26
C ALA A 151 -20.85 3.53 0.68
N LEU A 152 -21.38 2.60 1.46
CA LEU A 152 -21.59 1.23 0.97
C LEU A 152 -22.63 1.25 -0.20
N LEU A 153 -23.73 1.96 -0.02
CA LEU A 153 -24.75 2.04 -1.03
C LEU A 153 -24.18 2.71 -2.31
N ARG A 154 -23.42 3.79 -2.18
CA ARG A 154 -22.85 4.46 -3.36
C ARG A 154 -21.87 3.54 -4.10
N THR A 155 -21.13 2.70 -3.38
CA THR A 155 -20.27 1.73 -4.01
C THR A 155 -21.12 0.80 -4.97
N VAL A 156 -22.17 0.21 -4.37
CA VAL A 156 -23.06 -0.73 -5.10
C VAL A 156 -23.70 -0.05 -6.30
N VAL A 157 -24.27 1.13 -6.07
CA VAL A 157 -24.93 1.85 -7.16
C VAL A 157 -23.90 2.17 -8.25
N SER A 158 -22.69 2.58 -7.89
CA SER A 158 -21.67 2.91 -8.92
C SER A 158 -21.44 1.72 -9.84
N VAL A 159 -21.38 0.50 -9.27
CA VAL A 159 -21.15 -0.71 -10.05
C VAL A 159 -22.32 -0.92 -11.04
N LEU A 160 -23.51 -0.79 -10.48
CA LEU A 160 -24.73 -1.05 -11.27
C LEU A 160 -24.93 0.01 -12.36
N LYS A 161 -24.63 1.26 -12.05
CA LYS A 161 -24.86 2.37 -12.94
C LYS A 161 -23.81 2.39 -14.06
N LYS A 162 -22.56 2.16 -13.72
CA LYS A 162 -21.47 2.34 -14.68
C LYS A 162 -21.10 1.11 -15.50
N SER A 163 -21.62 -0.07 -15.16
CA SER A 163 -21.20 -1.31 -15.79
C SER A 163 -22.29 -1.79 -16.76
N PRO A 164 -21.90 -2.27 -17.94
CA PRO A 164 -22.87 -2.99 -18.78
C PRO A 164 -23.58 -4.04 -17.97
N PRO A 165 -24.93 -3.96 -17.85
CA PRO A 165 -25.62 -4.95 -17.02
C PRO A 165 -25.30 -6.37 -17.26
N HIS A 166 -25.17 -6.80 -18.52
CA HIS A 166 -24.80 -8.19 -18.73
CA HIS A 166 -24.74 -8.18 -18.84
C HIS A 166 -23.47 -8.65 -18.14
N LEU A 167 -22.53 -7.73 -17.92
CA LEU A 167 -21.25 -8.05 -17.34
C LEU A 167 -21.27 -8.20 -15.84
N ILE A 168 -22.35 -7.76 -15.22
CA ILE A 168 -22.54 -7.96 -13.78
C ILE A 168 -23.45 -9.19 -13.60
N LYS A 169 -22.82 -10.34 -13.37
CA LYS A 169 -23.59 -11.52 -13.04
C LYS A 169 -24.34 -11.34 -11.72
N GLU A 170 -23.66 -10.75 -10.73
CA GLU A 170 -24.17 -10.58 -9.39
C GLU A 170 -23.18 -9.73 -8.62
N ILE A 171 -23.68 -9.08 -7.58
CA ILE A 171 -22.85 -8.40 -6.57
C ILE A 171 -23.06 -9.19 -5.26
N ILE A 172 -22.02 -9.78 -4.74
CA ILE A 172 -22.07 -10.53 -3.51
C ILE A 172 -21.47 -9.64 -2.44
N LEU A 173 -22.30 -9.14 -1.53
CA LEU A 173 -21.79 -8.42 -0.34
C LEU A 173 -21.50 -9.40 0.74
N VAL A 174 -20.28 -9.37 1.28
CA VAL A 174 -19.94 -10.28 2.39
C VAL A 174 -19.78 -9.38 3.62
N ASP A 175 -20.85 -9.40 4.45
CA ASP A 175 -20.90 -8.67 5.67
C ASP A 175 -20.11 -9.40 6.74
N ASP A 176 -18.90 -8.89 7.04
CA ASP A 176 -17.97 -9.54 7.96
C ASP A 176 -18.31 -9.17 9.42
N TYR A 177 -19.50 -9.59 9.86
CA TYR A 177 -19.98 -9.44 11.21
C TYR A 177 -20.05 -7.98 11.66
N SER A 178 -20.64 -7.15 10.82
CA SER A 178 -20.89 -5.75 11.19
C SER A 178 -21.82 -5.75 12.40
N ASN A 179 -21.71 -4.72 13.23
CA ASN A 179 -22.58 -4.59 14.39
C ASN A 179 -24.05 -4.68 14.05
N ASP A 180 -24.53 -4.01 12.98
CA ASP A 180 -25.91 -4.11 12.62
C ASP A 180 -26.09 -4.87 11.36
N PRO A 181 -26.73 -6.02 11.39
CA PRO A 181 -26.88 -6.76 10.15
C PRO A 181 -27.80 -6.09 9.13
N GLU A 182 -28.57 -5.06 9.55
CA GLU A 182 -29.38 -4.32 8.56
C GLU A 182 -28.54 -3.59 7.56
N ASP A 183 -27.32 -3.16 7.89
CA ASP A 183 -26.54 -2.39 6.87
C ASP A 183 -26.48 -3.18 5.58
N GLY A 184 -26.20 -4.46 5.70
CA GLY A 184 -26.23 -5.31 4.54
C GLY A 184 -27.62 -5.79 4.10
N ALA A 185 -28.40 -6.30 5.02
CA ALA A 185 -29.62 -6.96 4.62
C ALA A 185 -30.52 -6.01 3.86
N LEU A 186 -30.64 -4.77 4.31
CA LEU A 186 -31.50 -3.85 3.56
C LEU A 186 -31.06 -3.70 2.05
N LEU A 187 -29.77 -3.88 1.75
CA LEU A 187 -29.31 -3.71 0.36
C LEU A 187 -29.60 -4.92 -0.52
N GLY A 188 -29.88 -6.05 0.10
CA GLY A 188 -30.18 -7.27 -0.62
C GLY A 188 -31.48 -7.19 -1.38
N LYS A 189 -32.31 -6.19 -1.08
CA LYS A 189 -33.51 -5.91 -1.88
C LYS A 189 -33.17 -5.45 -3.35
N ILE A 190 -31.99 -4.90 -3.54
CA ILE A 190 -31.61 -4.36 -4.83
CA ILE A 190 -31.61 -4.35 -4.82
C ILE A 190 -31.30 -5.45 -5.83
N GLU A 191 -31.84 -5.25 -7.05
CA GLU A 191 -31.53 -6.05 -8.23
C GLU A 191 -30.09 -6.48 -8.21
N LYS A 192 -29.81 -7.78 -8.32
CA LYS A 192 -28.47 -8.34 -8.51
C LYS A 192 -27.68 -8.49 -7.20
N VAL A 193 -28.14 -7.91 -6.11
CA VAL A 193 -27.34 -7.88 -4.84
C VAL A 193 -27.70 -9.03 -3.95
N ARG A 194 -26.71 -9.86 -3.61
CA ARG A 194 -26.84 -10.98 -2.69
C ARG A 194 -26.01 -10.70 -1.48
N VAL A 195 -26.50 -11.06 -0.33
CA VAL A 195 -25.80 -10.74 0.95
C VAL A 195 -25.46 -12.03 1.73
N LEU A 196 -24.18 -12.21 2.04
CA LEU A 196 -23.69 -13.30 2.86
C LEU A 196 -23.23 -12.66 4.16
N ARG A 197 -23.74 -13.11 5.32
CA ARG A 197 -23.30 -12.51 6.56
C ARG A 197 -22.49 -13.50 7.40
N ASN A 198 -21.25 -13.16 7.74
CA ASN A 198 -20.43 -13.96 8.63
C ASN A 198 -20.90 -13.80 10.07
N ASP A 199 -20.97 -14.94 10.78
CA ASP A 199 -21.42 -14.96 12.15
C ASP A 199 -20.35 -14.58 13.15
N ARG A 200 -19.14 -14.17 12.71
CA ARG A 200 -18.10 -13.64 13.50
C ARG A 200 -17.15 -12.94 12.52
N ARG A 201 -16.25 -12.12 13.04
CA ARG A 201 -15.30 -11.34 12.23
C ARG A 201 -14.19 -12.24 11.73
N GLU A 202 -14.16 -12.54 10.41
CA GLU A 202 -13.24 -13.43 9.80
C GLU A 202 -12.08 -12.71 9.12
N GLY A 203 -12.28 -11.46 8.72
CA GLY A 203 -11.25 -10.73 8.00
C GLY A 203 -11.52 -10.74 6.49
N LEU A 204 -10.93 -9.76 5.80
CA LEU A 204 -11.17 -9.57 4.36
C LEU A 204 -10.79 -10.78 3.59
N MET A 205 -9.66 -11.41 3.93
CA MET A 205 -9.17 -12.49 3.09
C MET A 205 -10.10 -13.70 3.19
N ARG A 206 -10.45 -14.11 4.41
CA ARG A 206 -11.39 -15.19 4.52
C ARG A 206 -12.77 -14.86 3.96
N SER A 207 -13.20 -13.61 4.12
CA SER A 207 -14.47 -13.20 3.60
C SER A 207 -14.45 -13.28 2.07
N ARG A 208 -13.35 -12.86 1.45
CA ARG A 208 -13.26 -12.91 -0.05
C ARG A 208 -13.33 -14.32 -0.55
N VAL A 209 -12.73 -15.26 0.17
CA VAL A 209 -12.83 -16.65 -0.20
C VAL A 209 -14.29 -17.11 -0.14
N ARG A 210 -15.00 -16.69 0.90
CA ARG A 210 -16.39 -17.09 0.96
C ARG A 210 -17.16 -16.57 -0.20
N GLY A 211 -16.94 -15.29 -0.53
CA GLY A 211 -17.64 -14.68 -1.68
C GLY A 211 -17.28 -15.33 -2.99
N ALA A 212 -16.01 -15.64 -3.17
CA ALA A 212 -15.50 -16.34 -4.35
C ALA A 212 -16.00 -17.76 -4.52
N ASP A 213 -16.12 -18.49 -3.42
CA ASP A 213 -16.70 -19.82 -3.50
C ASP A 213 -18.16 -19.79 -3.92
N ALA A 214 -18.87 -18.74 -3.52
CA ALA A 214 -20.26 -18.52 -3.87
C ALA A 214 -20.47 -17.99 -5.31
N ALA A 215 -19.42 -17.45 -5.92
CA ALA A 215 -19.54 -16.81 -7.25
C ALA A 215 -19.95 -17.72 -8.38
N GLN A 216 -20.91 -17.28 -9.18
CA GLN A 216 -21.44 -18.03 -10.35
C GLN A 216 -20.69 -17.76 -11.65
N ALA A 217 -20.02 -16.60 -11.76
CA ALA A 217 -19.38 -16.18 -13.00
C ALA A 217 -18.00 -16.80 -13.12
N LYS A 218 -17.39 -16.62 -14.28
CA LYS A 218 -16.06 -17.20 -14.53
C LYS A 218 -14.92 -16.23 -14.16
N VAL A 219 -15.30 -15.02 -13.81
CA VAL A 219 -14.31 -13.93 -13.50
C VAL A 219 -14.72 -13.26 -12.24
N LEU A 220 -13.79 -13.11 -11.29
CA LEU A 220 -14.06 -12.44 -10.01
C LEU A 220 -13.61 -10.97 -10.03
N THR A 221 -14.42 -10.07 -9.48
CA THR A 221 -14.01 -8.73 -9.32
C THR A 221 -14.12 -8.40 -7.83
N PHE A 222 -13.03 -7.99 -7.19
CA PHE A 222 -13.06 -7.66 -5.79
C PHE A 222 -13.02 -6.13 -5.69
N LEU A 223 -14.01 -5.58 -4.99
CA LEU A 223 -14.02 -4.16 -4.67
C LEU A 223 -14.07 -3.92 -3.18
N ASP A 224 -13.52 -2.81 -2.72
CA ASP A 224 -13.83 -2.38 -1.35
C ASP A 224 -15.14 -1.65 -1.21
N SER A 225 -15.51 -1.34 0.03
CA SER A 225 -16.85 -0.91 0.36
C SER A 225 -17.03 0.63 0.37
N HIS A 226 -16.00 1.34 0.00
CA HIS A 226 -16.11 2.78 -0.13
C HIS A 226 -15.36 3.29 -1.37
N CYS A 227 -15.93 2.83 -2.50
N CYS A 227 -15.88 2.87 -2.52
CA CYS A 227 -15.41 3.13 -3.85
CA CYS A 227 -15.27 3.30 -3.76
C CYS A 227 -16.48 3.77 -4.70
C CYS A 227 -16.41 3.68 -4.73
N GLU A 228 -16.05 4.36 -5.82
CA GLU A 228 -17.05 4.80 -6.83
C GLU A 228 -16.47 4.55 -8.20
N CYS A 229 -17.11 3.65 -8.92
CA CYS A 229 -16.63 3.28 -10.26
C CYS A 229 -16.84 4.39 -11.23
N ASN A 230 -15.92 4.57 -12.17
CA ASN A 230 -16.07 5.57 -13.21
C ASN A 230 -16.49 4.98 -14.56
N GLU A 231 -16.65 5.88 -15.52
CA GLU A 231 -17.13 5.58 -16.90
C GLU A 231 -16.32 4.45 -17.51
N HIS A 232 -17.00 3.39 -18.02
CA HIS A 232 -16.30 2.25 -18.64
C HIS A 232 -15.12 1.70 -17.87
N TRP A 233 -15.25 1.61 -16.55
CA TRP A 233 -14.20 1.07 -15.72
C TRP A 233 -14.03 -0.42 -15.92
N LEU A 234 -15.10 -1.15 -16.23
CA LEU A 234 -15.04 -2.62 -16.09
C LEU A 234 -14.49 -3.29 -17.33
N GLU A 235 -14.92 -2.84 -18.52
CA GLU A 235 -14.50 -3.50 -19.74
C GLU A 235 -12.98 -3.63 -19.98
N PRO A 236 -12.20 -2.55 -19.69
CA PRO A 236 -10.75 -2.67 -19.89
C PRO A 236 -10.13 -3.76 -19.03
N LEU A 237 -10.67 -3.98 -17.81
CA LEU A 237 -10.16 -4.98 -16.90
C LEU A 237 -10.49 -6.36 -17.44
N LEU A 238 -11.73 -6.54 -17.86
CA LEU A 238 -12.15 -7.86 -18.31
C LEU A 238 -11.46 -8.20 -19.61
N GLU A 239 -11.23 -7.21 -20.45
CA GLU A 239 -10.64 -7.52 -21.76
C GLU A 239 -9.22 -8.10 -21.52
N ARG A 240 -8.49 -7.57 -20.52
CA ARG A 240 -7.13 -8.13 -20.27
C ARG A 240 -7.18 -9.57 -19.81
N VAL A 241 -8.09 -9.86 -18.89
CA VAL A 241 -8.19 -11.19 -18.27
C VAL A 241 -8.72 -12.21 -19.24
N ALA A 242 -9.62 -11.75 -20.10
CA ALA A 242 -10.18 -12.64 -21.14
C ALA A 242 -9.11 -13.01 -22.12
N GLU A 243 -8.21 -12.10 -22.45
CA GLU A 243 -7.08 -12.41 -23.34
C GLU A 243 -6.05 -13.35 -22.70
N ASP A 244 -5.72 -13.12 -21.44
CA ASP A 244 -4.74 -13.98 -20.73
C ASP A 244 -5.15 -14.11 -19.28
N ARG A 245 -5.54 -15.34 -18.92
CA ARG A 245 -6.17 -15.65 -17.64
C ARG A 245 -5.15 -15.54 -16.51
N THR A 246 -3.88 -15.38 -16.82
CA THR A 246 -2.86 -15.28 -15.79
C THR A 246 -2.60 -13.83 -15.37
N ARG A 247 -3.31 -12.88 -15.97
CA ARG A 247 -3.16 -11.46 -15.58
C ARG A 247 -4.13 -11.16 -14.46
N VAL A 248 -3.65 -10.48 -13.41
CA VAL A 248 -4.48 -9.99 -12.29
C VAL A 248 -4.41 -8.48 -12.39
N VAL A 249 -5.54 -7.83 -12.58
CA VAL A 249 -5.51 -6.48 -13.12
C VAL A 249 -6.32 -5.53 -12.22
N SER A 250 -5.88 -4.29 -12.14
CA SER A 250 -6.53 -3.28 -11.32
C SER A 250 -6.72 -1.99 -12.07
N PRO A 251 -7.68 -1.19 -11.65
CA PRO A 251 -7.78 0.17 -12.16
C PRO A 251 -6.70 1.10 -11.63
N ILE A 252 -6.55 2.25 -12.24
CA ILE A 252 -5.98 3.41 -11.51
C ILE A 252 -6.94 3.81 -10.44
N ILE A 253 -6.44 3.99 -9.23
N ILE A 253 -6.46 4.04 -9.24
CA ILE A 253 -7.22 4.44 -8.09
CA ILE A 253 -7.34 4.42 -8.17
C ILE A 253 -7.25 5.97 -8.11
C ILE A 253 -7.31 5.91 -7.96
N ASP A 254 -8.44 6.54 -8.23
CA ASP A 254 -8.60 7.97 -8.06
C ASP A 254 -8.92 8.19 -6.56
N VAL A 255 -8.85 9.45 -6.09
CA VAL A 255 -8.97 9.80 -4.70
C VAL A 255 -10.35 10.38 -4.47
N ILE A 256 -11.02 9.92 -3.43
CA ILE A 256 -12.22 10.56 -2.97
C ILE A 256 -11.78 11.19 -1.64
N ASN A 257 -11.74 12.53 -1.55
CA ASN A 257 -11.16 13.18 -0.38
C ASN A 257 -11.93 12.77 0.87
N MET A 258 -11.24 12.43 1.96
CA MET A 258 -11.89 11.90 3.16
C MET A 258 -12.63 12.96 3.94
N ASP A 259 -12.33 14.22 3.66
CA ASP A 259 -12.93 15.38 4.37
C ASP A 259 -14.09 15.95 3.58
N ASN A 260 -13.91 16.20 2.29
CA ASN A 260 -14.93 16.88 1.52
C ASN A 260 -15.58 16.05 0.40
N PHE A 261 -15.10 14.83 0.25
CA PHE A 261 -15.66 13.87 -0.71
C PHE A 261 -15.52 14.25 -2.17
N GLN A 262 -14.70 15.25 -2.48
CA GLN A 262 -14.47 15.52 -3.91
C GLN A 262 -13.67 14.37 -4.53
N TYR A 263 -14.04 14.03 -5.77
CA TYR A 263 -13.43 12.99 -6.55
C TYR A 263 -12.36 13.59 -7.48
N VAL A 264 -11.13 13.19 -7.30
CA VAL A 264 -10.03 13.73 -8.09
C VAL A 264 -9.00 12.67 -8.50
N GLY A 265 -8.22 13.02 -9.52
CA GLY A 265 -7.09 12.16 -9.88
C GLY A 265 -5.79 12.42 -9.14
N ALA A 266 -5.03 11.37 -8.86
CA ALA A 266 -3.70 11.46 -8.32
C ALA A 266 -2.65 11.41 -9.41
N SER A 267 -1.39 11.53 -9.02
CA SER A 267 -0.33 11.44 -10.00
C SER A 267 -0.31 10.15 -10.72
N ALA A 268 -0.12 10.27 -12.02
CA ALA A 268 -0.01 9.15 -12.87
C ALA A 268 1.33 8.42 -12.75
N ASP A 269 2.28 8.99 -12.06
CA ASP A 269 3.57 8.40 -11.93
C ASP A 269 3.79 7.65 -10.65
N LEU A 270 2.68 7.27 -9.98
CA LEU A 270 2.69 6.52 -8.73
C LEU A 270 2.14 5.11 -8.94
N LYS A 271 2.73 4.13 -8.26
CA LYS A 271 2.26 2.76 -8.35
C LYS A 271 2.54 2.12 -7.00
N GLY A 272 2.04 0.91 -6.81
CA GLY A 272 2.17 0.24 -5.53
C GLY A 272 3.55 -0.38 -5.35
N GLY A 273 3.97 -0.40 -4.08
CA GLY A 273 5.30 -0.84 -3.66
C GLY A 273 5.29 -1.17 -2.18
N PHE A 274 6.49 -1.37 -1.65
CA PHE A 274 6.74 -1.61 -0.21
C PHE A 274 8.19 -1.50 0.10
N ASP A 275 8.48 -1.12 1.37
CA ASP A 275 9.82 -1.23 1.91
C ASP A 275 9.92 -2.56 2.71
N TRP A 276 11.08 -2.80 3.30
CA TRP A 276 11.36 -4.09 3.93
C TRP A 276 10.46 -4.29 5.17
N ASN A 277 9.81 -3.24 5.70
CA ASN A 277 8.76 -3.45 6.78
C ASN A 277 7.49 -4.14 6.26
N LEU A 278 7.36 -4.33 4.94
CA LEU A 278 6.32 -5.04 4.26
C LEU A 278 4.92 -4.39 4.38
N VAL A 279 4.89 -3.09 4.58
N VAL A 279 4.91 -3.09 4.55
CA VAL A 279 3.60 -2.39 4.57
CA VAL A 279 3.63 -2.38 4.56
C VAL A 279 3.51 -1.80 3.17
C VAL A 279 3.52 -1.72 3.19
N PHE A 280 2.28 -1.69 2.66
CA PHE A 280 2.03 -1.04 1.38
C PHE A 280 2.53 0.41 1.40
N LYS A 281 3.17 0.86 0.30
CA LYS A 281 3.39 2.28 0.05
C LYS A 281 3.26 2.61 -1.42
N TRP A 282 3.09 3.90 -1.71
CA TRP A 282 3.10 4.38 -3.05
C TRP A 282 4.54 4.66 -3.43
N ASP A 283 4.93 4.16 -4.58
CA ASP A 283 6.28 4.42 -5.16
C ASP A 283 6.18 5.38 -6.32
N TYR A 284 7.13 6.30 -6.40
CA TYR A 284 7.24 7.22 -7.56
C TYR A 284 8.01 6.50 -8.62
N MET A 285 7.45 6.47 -9.82
CA MET A 285 8.12 5.80 -10.94
C MET A 285 9.51 6.34 -11.20
N THR A 286 10.40 5.45 -11.62
CA THR A 286 11.77 5.84 -11.96
C THR A 286 11.76 6.61 -13.23
N PRO A 287 12.92 7.17 -13.57
CA PRO A 287 12.96 7.85 -14.86
C PRO A 287 12.63 7.02 -16.06
N GLU A 288 13.16 5.78 -16.18
CA GLU A 288 12.81 4.87 -17.22
C GLU A 288 11.30 4.60 -17.26
N GLN A 289 10.73 4.31 -16.11
CA GLN A 289 9.31 4.01 -16.07
C GLN A 289 8.48 5.21 -16.49
N ARG A 290 8.90 6.40 -16.08
N ARG A 290 8.90 6.40 -16.09
CA ARG A 290 8.17 7.61 -16.41
CA ARG A 290 8.13 7.58 -16.43
C ARG A 290 8.29 7.89 -17.90
C ARG A 290 8.29 7.91 -17.91
N ARG A 291 9.47 7.62 -18.45
CA ARG A 291 9.70 7.77 -19.92
C ARG A 291 8.79 6.86 -20.67
N SER A 292 8.72 5.61 -20.22
N SER A 292 8.75 5.62 -20.21
CA SER A 292 7.88 4.62 -20.86
CA SER A 292 7.91 4.65 -20.83
C SER A 292 6.40 5.01 -20.79
C SER A 292 6.46 5.13 -20.83
N ARG A 293 6.00 5.55 -19.65
CA ARG A 293 4.57 5.93 -19.46
C ARG A 293 4.12 7.07 -20.35
N GLN A 294 5.02 8.03 -20.50
CA GLN A 294 4.82 9.15 -21.40
C GLN A 294 4.60 8.72 -22.82
N GLY A 295 5.28 7.66 -23.25
CA GLY A 295 5.17 7.21 -24.63
C GLY A 295 3.85 6.51 -24.90
N ASN A 296 3.19 5.99 -23.86
CA ASN A 296 1.81 5.51 -24.01
C ASN A 296 1.07 5.47 -22.70
N PRO A 297 0.44 6.61 -22.37
CA PRO A 297 -0.18 6.75 -21.03
C PRO A 297 -1.39 5.81 -20.78
N VAL A 298 -1.90 5.13 -21.80
CA VAL A 298 -2.90 4.11 -21.62
C VAL A 298 -2.46 2.68 -21.73
N ALA A 299 -1.17 2.39 -21.92
CA ALA A 299 -0.73 1.03 -21.87
C ALA A 299 -0.88 0.47 -20.45
N PRO A 300 -1.18 -0.80 -20.30
CA PRO A 300 -1.12 -1.49 -19.03
C PRO A 300 0.28 -1.35 -18.43
N ILE A 301 0.34 -1.22 -17.10
CA ILE A 301 1.56 -0.99 -16.38
C ILE A 301 1.77 -2.19 -15.47
N LYS A 302 2.92 -2.86 -15.54
CA LYS A 302 3.20 -3.96 -14.63
C LYS A 302 3.55 -3.34 -13.26
N THR A 303 3.16 -4.03 -12.18
CA THR A 303 3.42 -3.51 -10.90
C THR A 303 3.77 -4.62 -9.94
N PRO A 304 4.61 -4.34 -8.92
CA PRO A 304 5.07 -5.44 -8.04
C PRO A 304 4.10 -5.78 -6.96
N MET A 305 3.12 -4.89 -6.68
CA MET A 305 2.25 -5.10 -5.50
C MET A 305 0.92 -4.48 -5.79
N ILE A 306 -0.16 -5.24 -5.65
CA ILE A 306 -1.50 -4.69 -5.81
C ILE A 306 -1.73 -3.54 -4.86
N ALA A 307 -2.29 -2.46 -5.44
CA ALA A 307 -2.69 -1.31 -4.63
C ALA A 307 -4.21 -1.41 -4.25
N GLY A 308 -4.54 -1.22 -3.01
CA GLY A 308 -5.96 -1.04 -2.73
C GLY A 308 -6.74 -2.34 -2.71
N GLY A 309 -8.03 -2.17 -2.51
CA GLY A 309 -8.85 -3.27 -2.40
C GLY A 309 -9.25 -3.85 -3.75
N LEU A 310 -8.63 -3.46 -4.86
CA LEU A 310 -9.39 -3.59 -6.09
C LEU A 310 -8.68 -4.39 -7.18
N PHE A 311 -9.23 -5.53 -7.62
CA PHE A 311 -8.63 -6.29 -8.74
C PHE A 311 -9.62 -7.24 -9.30
N VAL A 312 -9.32 -7.62 -10.52
CA VAL A 312 -10.07 -8.57 -11.32
C VAL A 312 -9.15 -9.80 -11.60
N MET A 313 -9.72 -11.02 -11.45
CA MET A 313 -8.94 -12.26 -11.64
C MET A 313 -9.88 -13.34 -12.16
N ASP A 314 -9.41 -14.09 -13.16
CA ASP A 314 -10.14 -15.28 -13.65
C ASP A 314 -10.37 -16.17 -12.43
N LYS A 315 -11.62 -16.60 -12.28
CA LYS A 315 -12.03 -17.35 -11.08
C LYS A 315 -11.26 -18.67 -11.00
N PHE A 316 -11.13 -19.36 -12.11
CA PHE A 316 -10.40 -20.64 -12.10
C PHE A 316 -8.95 -20.50 -11.78
N TYR A 317 -8.31 -19.44 -12.27
CA TYR A 317 -6.97 -19.08 -11.90
C TYR A 317 -6.84 -18.73 -10.44
N PHE A 318 -7.78 -17.96 -9.90
CA PHE A 318 -7.79 -17.66 -8.43
C PHE A 318 -7.78 -18.96 -7.64
N GLU A 319 -8.64 -19.89 -8.05
CA GLU A 319 -8.73 -21.21 -7.34
C GLU A 319 -7.48 -22.03 -7.50
N GLU A 320 -6.95 -22.14 -8.73
CA GLU A 320 -5.75 -22.92 -9.02
C GLU A 320 -4.53 -22.46 -8.29
N LEU A 321 -4.46 -21.13 -8.15
CA LEU A 321 -3.29 -20.57 -7.48
C LEU A 321 -3.35 -20.64 -5.96
N GLY A 322 -4.49 -20.98 -5.38
CA GLY A 322 -4.60 -21.11 -3.91
C GLY A 322 -5.43 -20.03 -3.21
N LYS A 323 -6.32 -19.39 -3.95
CA LYS A 323 -7.30 -18.50 -3.40
C LYS A 323 -6.69 -17.40 -2.54
N TYR A 324 -7.04 -17.36 -1.25
CA TYR A 324 -6.21 -16.69 -0.20
C TYR A 324 -5.91 -17.73 0.83
N ASP A 325 -4.82 -17.52 1.58
CA ASP A 325 -4.51 -18.32 2.73
C ASP A 325 -5.57 -18.15 3.85
N MET A 326 -6.31 -19.24 4.14
CA MET A 326 -7.47 -19.17 4.98
C MET A 326 -7.03 -19.05 6.43
N MET A 327 -5.71 -19.15 6.72
CA MET A 327 -5.21 -18.97 8.09
C MET A 327 -4.77 -17.54 8.36
N MET A 328 -4.95 -16.61 7.44
CA MET A 328 -4.80 -15.20 7.74
C MET A 328 -5.94 -14.70 8.61
N ASP A 329 -5.63 -13.71 9.45
CA ASP A 329 -6.61 -13.07 10.33
C ASP A 329 -7.04 -11.68 9.80
N VAL A 330 -7.62 -10.88 10.66
CA VAL A 330 -8.23 -9.63 10.26
C VAL A 330 -7.23 -8.60 9.79
N TRP A 331 -6.02 -8.63 10.37
CA TRP A 331 -5.14 -7.45 10.38
C TRP A 331 -3.92 -7.42 9.45
N GLY A 332 -4.01 -6.59 8.39
CA GLY A 332 -2.90 -6.40 7.50
C GLY A 332 -2.68 -7.45 6.41
N GLY A 333 -1.69 -7.14 5.58
CA GLY A 333 -1.15 -8.07 4.65
C GLY A 333 -2.01 -8.51 3.48
N GLU A 334 -3.15 -7.83 3.19
CA GLU A 334 -4.17 -8.39 2.29
C GLU A 334 -3.62 -8.53 0.89
N ASN A 335 -2.72 -7.65 0.52
CA ASN A 335 -2.20 -7.70 -0.86
C ASN A 335 -0.82 -8.32 -0.95
N LEU A 336 -0.19 -8.62 0.19
CA LEU A 336 1.18 -9.02 0.15
C LEU A 336 1.38 -10.42 -0.30
N GLU A 337 0.80 -11.39 0.41
CA GLU A 337 0.96 -12.78 0.01
C GLU A 337 0.48 -12.98 -1.42
N ILE A 338 -0.67 -12.41 -1.81
CA ILE A 338 -1.19 -12.70 -3.13
C ILE A 338 -0.29 -12.12 -4.24
N SER A 339 0.30 -10.97 -3.99
CA SER A 339 1.17 -10.34 -5.05
C SER A 339 2.43 -11.12 -5.27
N PHE A 340 3.01 -11.60 -4.16
CA PHE A 340 4.21 -12.45 -4.29
C PHE A 340 3.86 -13.74 -5.03
N ARG A 341 2.78 -14.37 -4.60
CA ARG A 341 2.37 -15.65 -5.19
C ARG A 341 2.03 -15.58 -6.65
N VAL A 342 1.32 -14.54 -7.07
CA VAL A 342 0.94 -14.38 -8.46
C VAL A 342 2.23 -14.25 -9.26
N TRP A 343 3.12 -13.35 -8.87
CA TRP A 343 4.36 -13.14 -9.65
C TRP A 343 5.31 -14.36 -9.61
N GLN A 344 5.47 -14.95 -8.43
CA GLN A 344 6.43 -16.02 -8.31
C GLN A 344 5.92 -17.26 -9.02
N CYS A 345 4.62 -17.40 -9.21
CA CYS A 345 4.07 -18.67 -9.66
C CYS A 345 3.56 -18.53 -11.09
N GLY A 346 3.98 -17.44 -11.75
CA GLY A 346 3.96 -17.34 -13.24
C GLY A 346 2.94 -16.35 -13.86
N GLY A 347 2.11 -15.71 -13.02
CA GLY A 347 1.14 -14.68 -13.46
C GLY A 347 1.79 -13.31 -13.45
N SER A 348 0.95 -12.30 -13.53
CA SER A 348 1.39 -10.95 -13.48
C SER A 348 0.33 -10.05 -12.90
N LEU A 349 0.81 -8.93 -12.36
CA LEU A 349 -0.03 -7.82 -11.86
C LEU A 349 0.01 -6.60 -12.75
N GLU A 350 -1.12 -6.02 -13.07
CA GLU A 350 -1.15 -4.84 -13.92
C GLU A 350 -2.09 -3.74 -13.37
N ILE A 351 -1.76 -2.51 -13.69
CA ILE A 351 -2.59 -1.35 -13.56
C ILE A 351 -3.06 -0.96 -14.94
N ILE A 352 -4.38 -0.72 -15.07
CA ILE A 352 -4.99 -0.46 -16.34
C ILE A 352 -5.46 0.98 -16.36
N PRO A 353 -4.71 1.94 -17.00
CA PRO A 353 -5.05 3.35 -16.91
C PRO A 353 -6.44 3.80 -17.39
N CYS A 354 -6.99 3.06 -18.35
CA CYS A 354 -8.32 3.44 -18.80
C CYS A 354 -9.48 3.00 -17.91
N SER A 355 -9.17 2.21 -16.87
CA SER A 355 -10.10 1.78 -15.80
C SER A 355 -9.85 2.68 -14.58
N ARG A 356 -10.88 3.44 -14.22
CA ARG A 356 -10.77 4.34 -13.04
C ARG A 356 -11.82 4.02 -12.00
N VAL A 357 -11.41 3.97 -10.77
CA VAL A 357 -12.32 3.79 -9.67
C VAL A 357 -11.82 4.67 -8.56
N GLY A 358 -12.69 5.54 -8.06
CA GLY A 358 -12.30 6.39 -6.92
C GLY A 358 -12.44 5.66 -5.61
N HIS A 359 -11.65 6.06 -4.63
CA HIS A 359 -11.62 5.38 -3.36
C HIS A 359 -11.36 6.33 -2.18
N VAL A 360 -12.03 6.12 -1.06
CA VAL A 360 -11.74 6.95 0.13
C VAL A 360 -10.60 6.33 0.93
N PHE A 361 -9.40 6.87 0.76
CA PHE A 361 -8.27 6.59 1.60
C PHE A 361 -8.46 7.25 3.00
N ARG A 362 -8.08 6.49 3.99
CA ARG A 362 -8.42 6.84 5.34
C ARG A 362 -7.24 7.21 6.20
N LYS A 363 -6.03 7.08 5.72
CA LYS A 363 -4.92 7.57 6.53
C LYS A 363 -4.40 8.84 5.99
N GLN A 364 -4.11 9.77 6.89
CA GLN A 364 -3.34 10.93 6.50
C GLN A 364 -1.82 10.71 6.45
N HIS A 365 -1.29 9.77 7.22
CA HIS A 365 0.14 9.53 7.26
C HIS A 365 0.46 8.10 7.12
N PRO A 366 1.69 7.79 6.66
CA PRO A 366 2.21 6.37 6.81
C PRO A 366 2.17 5.77 8.21
N TYR A 367 2.12 4.44 8.31
CA TYR A 367 2.19 3.82 9.62
C TYR A 367 3.57 4.09 10.14
N THR A 368 3.64 4.46 11.40
CA THR A 368 4.92 4.68 12.04
C THR A 368 5.61 3.38 12.37
N PHE A 369 6.92 3.37 12.11
CA PHE A 369 7.79 2.28 12.48
C PHE A 369 9.09 2.85 13.05
N PRO A 370 9.55 2.39 14.25
CA PRO A 370 9.00 1.53 15.28
C PRO A 370 7.61 2.03 15.73
N GLY A 371 6.82 1.12 16.27
CA GLY A 371 5.42 1.36 16.59
C GLY A 371 4.73 0.04 16.78
N GLY A 372 3.41 0.08 17.08
CA GLY A 372 2.60 -1.12 17.37
C GLY A 372 2.07 -1.82 16.14
N SER A 373 1.97 -1.11 15.03
CA SER A 373 1.52 -1.73 13.76
C SER A 373 2.32 -2.96 13.34
N GLY A 374 3.64 -2.92 13.56
CA GLY A 374 4.51 -4.04 13.21
C GLY A 374 4.07 -5.33 13.93
N THR A 375 3.52 -5.18 15.14
CA THR A 375 2.98 -6.36 15.83
C THR A 375 1.57 -6.72 15.33
N VAL A 376 0.70 -5.70 15.14
CA VAL A 376 -0.67 -5.87 14.74
C VAL A 376 -0.70 -6.66 13.41
N PHE A 377 0.23 -6.32 12.51
CA PHE A 377 0.21 -6.94 11.17
C PHE A 377 1.08 -8.21 11.09
N ALA A 378 1.76 -8.59 12.19
CA ALA A 378 2.78 -9.59 12.07
C ALA A 378 2.28 -10.96 11.70
N ARG A 379 1.13 -11.43 12.23
CA ARG A 379 0.69 -12.81 11.85
C ARG A 379 0.52 -12.91 10.36
N ASN A 380 -0.20 -11.98 9.77
CA ASN A 380 -0.38 -12.11 8.33
C ASN A 380 0.88 -11.86 7.55
N THR A 381 1.74 -10.99 8.05
CA THR A 381 2.92 -10.61 7.32
C THR A 381 3.95 -11.76 7.36
N ARG A 382 4.11 -12.34 8.54
CA ARG A 382 4.97 -13.52 8.68
C ARG A 382 4.47 -14.69 7.81
N ARG A 383 3.16 -14.92 7.72
CA ARG A 383 2.67 -16.00 6.86
C ARG A 383 3.08 -15.77 5.43
N ALA A 384 3.12 -14.52 4.99
CA ALA A 384 3.65 -14.23 3.64
C ALA A 384 5.17 -14.42 3.58
N ALA A 385 5.92 -13.85 4.53
CA ALA A 385 7.37 -13.82 4.47
C ALA A 385 7.96 -15.22 4.61
N GLU A 386 7.39 -15.97 5.55
CA GLU A 386 7.90 -17.33 5.81
C GLU A 386 7.68 -18.33 4.67
N VAL A 387 6.65 -18.11 3.91
CA VAL A 387 6.35 -18.98 2.73
C VAL A 387 7.10 -18.56 1.44
N TRP A 388 7.15 -17.26 1.17
CA TRP A 388 7.56 -16.74 -0.09
C TRP A 388 8.92 -16.15 -0.20
N MET A 389 9.43 -15.55 0.86
CA MET A 389 10.59 -14.63 0.75
C MET A 389 11.96 -15.27 0.86
N ASP A 390 11.99 -16.57 1.10
CA ASP A 390 13.27 -17.29 1.27
C ASP A 390 14.09 -16.51 2.38
N GLU A 391 15.42 -16.31 2.15
CA GLU A 391 16.30 -15.67 3.07
C GLU A 391 16.03 -14.16 3.25
N TYR A 392 15.32 -13.60 2.30
CA TYR A 392 14.98 -12.16 2.36
C TYR A 392 14.03 -11.85 3.51
N LYS A 393 13.36 -12.83 4.09
CA LYS A 393 12.58 -12.56 5.28
C LYS A 393 13.42 -11.90 6.39
N ASN A 394 14.72 -12.16 6.38
CA ASN A 394 15.61 -11.54 7.36
C ASN A 394 15.70 -10.03 7.29
N PHE A 395 15.45 -9.46 6.10
CA PHE A 395 15.42 -8.01 6.05
C PHE A 395 14.13 -7.44 6.63
N TYR A 396 13.03 -8.16 6.47
CA TYR A 396 11.78 -7.83 7.14
C TYR A 396 12.01 -7.83 8.67
N TYR A 397 12.60 -8.93 9.20
CA TYR A 397 12.87 -8.93 10.66
C TYR A 397 13.88 -7.88 11.09
N ALA A 398 14.76 -7.45 10.22
CA ALA A 398 15.65 -6.31 10.52
C ALA A 398 14.89 -5.02 10.65
N ALA A 399 13.81 -4.95 9.90
CA ALA A 399 12.97 -3.75 9.88
C ALA A 399 11.93 -3.76 10.96
N VAL A 400 11.51 -4.93 11.36
CA VAL A 400 10.40 -5.14 12.27
C VAL A 400 10.79 -6.25 13.27
N PRO A 401 11.75 -5.94 14.13
CA PRO A 401 12.25 -6.95 15.08
C PRO A 401 11.12 -7.40 16.07
N SER A 402 10.15 -6.53 16.35
CA SER A 402 8.99 -6.87 17.16
C SER A 402 8.16 -8.03 16.59
N ALA A 403 8.26 -8.32 15.28
CA ALA A 403 7.54 -9.37 14.67
C ALA A 403 8.15 -10.74 14.86
N ARG A 404 9.41 -10.76 15.22
CA ARG A 404 10.26 -11.93 15.08
C ARG A 404 9.75 -13.09 15.82
N ASN A 405 9.05 -12.83 16.94
CA ASN A 405 8.55 -13.83 17.84
C ASN A 405 7.02 -13.92 17.94
N VAL A 406 6.30 -13.28 17.01
CA VAL A 406 4.84 -13.30 17.04
C VAL A 406 4.35 -14.61 16.41
N PRO A 407 3.51 -15.37 17.10
CA PRO A 407 2.96 -16.58 16.48
C PRO A 407 2.25 -16.31 15.19
N TYR A 408 2.45 -17.23 14.25
CA TYR A 408 1.81 -17.07 12.95
C TYR A 408 1.17 -18.33 12.38
N GLY A 409 1.11 -19.42 13.14
CA GLY A 409 0.44 -20.65 12.70
C GLY A 409 1.27 -21.50 11.77
N ASN A 410 0.72 -22.66 11.47
CA ASN A 410 1.42 -23.60 10.67
C ASN A 410 1.25 -23.17 9.25
N ILE A 411 2.36 -23.21 8.52
CA ILE A 411 2.36 -22.89 7.09
C ILE A 411 2.64 -24.06 6.14
N GLN A 412 2.62 -25.29 6.64
CA GLN A 412 2.95 -26.43 5.76
C GLN A 412 2.12 -26.56 4.52
N SER A 413 0.83 -26.30 4.58
CA SER A 413 0.05 -26.46 3.40
C SER A 413 0.41 -25.40 2.37
N ARG A 414 0.74 -24.18 2.80
CA ARG A 414 1.11 -23.12 1.83
C ARG A 414 2.48 -23.41 1.26
N LEU A 415 3.39 -23.97 2.05
CA LEU A 415 4.67 -24.43 1.53
C LEU A 415 4.49 -25.51 0.41
N GLU A 416 3.60 -26.46 0.69
CA GLU A 416 3.16 -27.51 -0.20
C GLU A 416 2.56 -26.97 -1.50
N LEU A 417 1.71 -25.95 -1.40
CA LEU A 417 1.20 -25.24 -2.58
C LEU A 417 2.36 -24.66 -3.43
N ARG A 418 3.26 -23.95 -2.81
CA ARG A 418 4.37 -23.36 -3.50
C ARG A 418 5.14 -24.46 -4.24
N LYS A 419 5.40 -25.57 -3.57
CA LYS A 419 6.12 -26.68 -4.18
C LYS A 419 5.27 -27.23 -5.37
N LYS A 420 3.96 -27.42 -5.16
CA LYS A 420 3.06 -27.95 -6.19
C LYS A 420 2.99 -27.07 -7.43
N LEU A 421 3.08 -25.74 -7.24
CA LEU A 421 2.93 -24.83 -8.34
C LEU A 421 4.24 -24.55 -9.04
N SER A 422 5.38 -25.09 -8.58
CA SER A 422 6.67 -24.79 -9.26
C SER A 422 7.01 -23.25 -9.36
N CYS A 423 6.91 -22.53 -8.27
CA CYS A 423 7.15 -21.08 -8.27
C CYS A 423 8.62 -20.74 -8.23
N LYS A 424 8.96 -19.54 -8.72
CA LYS A 424 10.31 -19.03 -8.72
C LYS A 424 10.71 -18.53 -7.30
N PRO A 425 12.02 -18.45 -7.05
CA PRO A 425 12.50 -17.93 -5.78
C PRO A 425 12.26 -16.44 -5.60
N PHE A 426 12.38 -15.95 -4.38
CA PHE A 426 12.15 -14.54 -4.17
C PHE A 426 13.21 -13.70 -4.84
N LYS A 427 14.42 -14.23 -4.95
CA LYS A 427 15.46 -13.46 -5.62
C LYS A 427 15.05 -13.17 -7.05
N TRP A 428 14.37 -14.09 -7.69
CA TRP A 428 13.91 -13.89 -9.01
C TRP A 428 12.86 -12.77 -9.04
N TYR A 429 12.01 -12.73 -8.04
CA TYR A 429 11.03 -11.62 -7.94
C TYR A 429 11.69 -10.28 -7.80
N LEU A 430 12.72 -10.23 -6.96
CA LEU A 430 13.39 -9.00 -6.76
C LEU A 430 14.07 -8.55 -8.03
N GLU A 431 14.73 -9.46 -8.74
CA GLU A 431 15.45 -9.04 -9.91
C GLU A 431 14.57 -8.71 -11.09
N ASN A 432 13.48 -9.45 -11.26
CA ASN A 432 12.65 -9.31 -12.43
C ASN A 432 11.36 -8.48 -12.29
N VAL A 433 10.85 -8.38 -11.06
CA VAL A 433 9.59 -7.71 -10.81
C VAL A 433 9.76 -6.41 -10.03
N TYR A 434 10.58 -6.43 -8.99
CA TYR A 434 10.80 -5.27 -8.13
C TYR A 434 12.29 -4.96 -7.91
N PRO A 435 12.98 -4.62 -8.96
CA PRO A 435 14.43 -4.30 -8.82
C PRO A 435 14.66 -2.96 -8.14
N GLU A 436 13.62 -2.12 -8.03
CA GLU A 436 13.69 -0.82 -7.36
C GLU A 436 13.74 -0.92 -5.84
N LEU A 437 13.38 -2.06 -5.29
CA LEU A 437 13.53 -2.27 -3.85
C LEU A 437 14.99 -2.51 -3.51
N ARG A 438 15.58 -1.63 -2.74
CA ARG A 438 17.01 -1.77 -2.66
C ARG A 438 17.38 -2.72 -1.53
N VAL A 439 18.34 -3.61 -1.82
CA VAL A 439 18.69 -4.72 -0.97
C VAL A 439 19.97 -4.33 -0.25
N PRO A 440 20.02 -4.52 1.08
CA PRO A 440 21.27 -4.17 1.76
C PRO A 440 22.48 -4.95 1.20
N ASP A 441 23.65 -4.34 1.23
CA ASP A 441 24.92 -5.10 1.04
C ASP A 441 25.07 -6.21 2.05
N HIS A 442 25.76 -7.26 1.60
CA HIS A 442 25.94 -8.46 2.36
C HIS A 442 26.59 -8.12 3.70
N GLN A 443 27.48 -7.13 3.76
CA GLN A 443 28.16 -6.85 5.03
C GLN A 443 27.79 -5.49 5.63
N ASP A 444 26.69 -4.88 5.19
CA ASP A 444 26.15 -3.71 5.89
C ASP A 444 25.78 -4.07 7.34
N ILE A 445 26.05 -3.15 8.25
CA ILE A 445 25.67 -3.27 9.67
C ILE A 445 24.20 -2.78 9.92
N ALA A 446 23.85 -1.72 9.22
CA ALA A 446 22.49 -1.14 9.33
C ALA A 446 22.19 -0.47 8.00
N PHE A 447 20.93 -0.16 7.73
CA PHE A 447 20.53 0.20 6.40
C PHE A 447 19.19 0.91 6.43
N GLY A 448 18.98 1.74 5.42
CA GLY A 448 17.70 2.31 5.17
C GLY A 448 17.64 3.78 5.28
N ALA A 449 16.81 4.26 6.18
CA ALA A 449 16.82 5.64 6.58
C ALA A 449 17.32 5.74 8.01
N LEU A 450 17.88 6.91 8.36
CA LEU A 450 18.27 7.20 9.78
C LEU A 450 17.27 8.15 10.37
N GLN A 451 16.41 7.62 11.22
CA GLN A 451 15.24 8.37 11.68
C GLN A 451 15.48 9.01 13.00
N GLN A 452 14.86 10.19 13.17
CA GLN A 452 14.75 10.88 14.40
C GLN A 452 13.29 11.46 14.51
N GLY A 453 12.45 10.83 15.31
CA GLY A 453 11.03 11.17 15.28
C GLY A 453 10.53 10.86 13.86
N THR A 454 9.86 11.85 13.27
CA THR A 454 9.31 11.75 11.91
C THR A 454 10.29 12.35 10.88
N ASN A 455 11.45 12.80 11.34
CA ASN A 455 12.46 13.25 10.40
C ASN A 455 13.55 12.18 10.13
N CYS A 456 14.31 12.42 9.06
CA CYS A 456 15.28 11.52 8.49
C CYS A 456 16.52 12.30 8.17
N LEU A 457 17.67 11.67 8.35
CA LEU A 457 18.92 12.16 7.81
C LEU A 457 18.81 12.37 6.31
N ASP A 458 19.30 13.51 5.82
CA ASP A 458 19.02 13.91 4.45
C ASP A 458 20.20 14.69 3.94
N THR A 459 20.59 14.41 2.69
CA THR A 459 21.70 15.16 2.08
C THR A 459 21.29 16.56 1.66
N LEU A 460 20.00 16.88 1.67
CA LEU A 460 19.44 18.15 1.21
C LEU A 460 19.88 18.45 -0.23
N GLY A 461 20.33 17.44 -0.92
CA GLY A 461 20.70 17.55 -2.35
C GLY A 461 22.13 18.02 -2.47
N HIS A 462 22.85 18.10 -1.36
CA HIS A 462 24.26 18.47 -1.41
C HIS A 462 25.22 17.39 -1.87
N PHE A 463 26.43 17.84 -2.22
CA PHE A 463 27.49 16.97 -2.64
C PHE A 463 28.72 17.20 -1.75
N ALA A 464 29.88 16.69 -2.17
CA ALA A 464 31.06 16.76 -1.36
C ALA A 464 31.28 18.18 -0.90
N ASP A 465 31.79 18.30 0.34
CA ASP A 465 31.94 19.54 1.11
C ASP A 465 30.64 20.21 1.61
N GLY A 466 29.45 19.67 1.26
CA GLY A 466 28.21 20.20 1.79
C GLY A 466 27.84 19.63 3.14
N VAL A 467 26.97 20.36 3.80
CA VAL A 467 26.45 19.99 5.11
C VAL A 467 25.39 18.97 4.93
N VAL A 468 25.13 18.22 5.99
CA VAL A 468 23.94 17.35 6.00
C VAL A 468 22.90 17.84 6.93
N GLY A 469 21.69 17.37 6.70
CA GLY A 469 20.54 17.93 7.31
C GLY A 469 19.58 16.91 7.83
N VAL A 470 18.47 17.41 8.23
CA VAL A 470 17.41 16.57 8.60
C VAL A 470 16.15 17.10 7.93
N TYR A 471 15.20 16.23 7.63
CA TYR A 471 14.06 16.59 6.80
C TYR A 471 12.94 15.60 7.06
N GLU A 472 11.68 16.01 6.90
CA GLU A 472 10.54 15.03 7.07
C GLU A 472 10.79 13.77 6.27
N CYS A 473 10.63 12.62 6.92
CA CYS A 473 10.72 11.36 6.23
C CYS A 473 9.61 11.28 5.22
N HIS A 474 10.01 11.11 3.98
CA HIS A 474 9.07 10.89 2.89
C HIS A 474 8.94 9.45 2.38
N ASN A 475 9.69 8.48 2.92
CA ASN A 475 9.74 7.09 2.45
C ASN A 475 9.95 6.89 0.96
N ALA A 476 10.64 7.82 0.32
CA ALA A 476 10.86 7.74 -1.12
C ALA A 476 12.29 7.53 -1.51
N GLY A 477 13.13 7.13 -0.54
CA GLY A 477 14.52 6.89 -0.82
C GLY A 477 15.27 8.18 -1.06
N GLY A 478 15.95 8.24 -2.20
CA GLY A 478 16.58 9.44 -2.67
C GLY A 478 17.62 9.95 -1.68
N ASN A 479 17.46 11.20 -1.33
CA ASN A 479 18.38 11.89 -0.46
C ASN A 479 18.33 11.39 0.98
N GLN A 480 17.42 10.50 1.26
CA GLN A 480 17.22 9.86 2.61
C GLN A 480 17.68 8.44 2.71
N GLU A 481 18.39 7.98 1.66
CA GLU A 481 18.90 6.62 1.59
C GLU A 481 20.30 6.51 2.13
N TRP A 482 20.47 5.67 3.15
CA TRP A 482 21.75 5.58 3.86
C TRP A 482 22.10 4.13 4.18
N ALA A 483 23.36 3.90 4.47
CA ALA A 483 23.78 2.59 5.02
C ALA A 483 24.84 2.84 6.01
N LEU A 484 24.93 1.90 6.97
CA LEU A 484 26.07 1.88 7.91
C LEU A 484 26.84 0.68 7.45
N THR A 485 28.00 0.96 6.85
CA THR A 485 28.79 -0.05 6.12
C THR A 485 29.69 -0.89 7.05
N LYS A 486 30.27 -1.93 6.46
CA LYS A 486 31.17 -2.80 7.17
C LYS A 486 32.33 -1.97 7.69
N GLU A 487 32.74 -0.95 6.95
CA GLU A 487 33.84 -0.09 7.44
C GLU A 487 33.42 1.01 8.42
N LYS A 488 32.17 0.89 8.88
CA LYS A 488 31.56 1.81 9.86
C LYS A 488 31.32 3.20 9.30
N SER A 489 31.15 3.33 8.00
CA SER A 489 30.83 4.65 7.45
C SER A 489 29.34 4.82 7.28
N VAL A 490 28.87 6.07 7.28
CA VAL A 490 27.43 6.32 7.05
C VAL A 490 27.39 6.91 5.66
N LYS A 491 26.93 6.09 4.73
CA LYS A 491 27.15 6.30 3.31
C LYS A 491 25.88 6.51 2.48
N HIS A 492 25.97 7.47 1.56
CA HIS A 492 24.97 7.74 0.54
C HIS A 492 25.72 7.91 -0.78
N MET A 493 25.37 7.08 -1.73
CA MET A 493 26.12 6.88 -2.99
C MET A 493 27.63 6.76 -2.63
N ASP A 494 28.47 7.71 -2.98
CA ASP A 494 29.89 7.57 -2.66
C ASP A 494 30.29 8.68 -1.74
N LEU A 495 29.32 9.23 -1.01
CA LEU A 495 29.56 10.23 0.01
C LEU A 495 29.33 9.70 1.42
N CYS A 496 30.12 10.19 2.37
CA CYS A 496 30.13 9.64 3.73
C CYS A 496 30.08 10.79 4.74
N LEU A 497 29.35 10.58 5.85
CA LEU A 497 29.36 11.58 6.93
C LEU A 497 30.79 11.71 7.50
N THR A 498 31.29 12.94 7.56
CA THR A 498 32.69 13.22 7.91
C THR A 498 32.80 14.28 8.97
N VAL A 499 33.44 13.87 10.03
CA VAL A 499 33.80 14.78 11.12
C VAL A 499 35.05 15.59 10.71
N VAL A 500 34.80 16.72 10.09
CA VAL A 500 35.89 17.54 9.58
C VAL A 500 36.49 18.40 10.68
N ASP A 501 35.78 18.55 11.79
CA ASP A 501 36.20 19.39 12.92
C ASP A 501 35.61 18.76 14.14
N ARG A 502 36.49 18.39 15.07
CA ARG A 502 36.06 17.75 16.30
C ARG A 502 35.58 18.66 17.41
N ALA A 503 35.64 19.99 17.26
CA ALA A 503 35.16 20.86 18.32
C ALA A 503 33.67 20.61 18.44
N PRO A 504 33.19 20.42 19.68
CA PRO A 504 31.78 20.25 19.92
C PRO A 504 31.00 21.42 19.35
N GLY A 505 29.89 21.11 18.68
CA GLY A 505 29.12 22.13 17.98
C GLY A 505 29.37 22.21 16.47
N SER A 506 30.46 21.64 15.98
CA SER A 506 30.88 21.86 14.60
C SER A 506 29.96 21.06 13.69
N LEU A 507 29.60 21.65 12.57
CA LEU A 507 28.85 20.93 11.53
C LEU A 507 29.69 19.83 10.88
N ILE A 508 29.07 18.70 10.58
CA ILE A 508 29.68 17.65 9.82
C ILE A 508 29.48 17.92 8.34
N LYS A 509 30.21 17.20 7.51
CA LYS A 509 30.13 17.38 6.05
C LYS A 509 30.10 16.08 5.33
N LEU A 510 29.53 16.12 4.11
CA LEU A 510 29.64 15.03 3.15
C LEU A 510 31.02 15.14 2.49
N GLN A 511 31.74 14.03 2.44
CA GLN A 511 33.00 13.97 1.63
C GLN A 511 33.08 12.57 1.04
N GLY A 512 33.92 12.42 0.03
CA GLY A 512 34.10 11.12 -0.58
C GLY A 512 34.45 10.08 0.41
N CYS A 513 33.81 8.92 0.34
CA CYS A 513 34.14 7.83 1.24
C CYS A 513 35.55 7.37 1.01
N ARG A 514 36.33 7.26 2.09
CA ARG A 514 37.67 6.63 1.99
C ARG A 514 37.78 5.62 3.07
N GLU A 515 38.19 4.42 2.70
CA GLU A 515 38.18 3.25 3.59
C GLU A 515 38.89 3.41 4.91
N ASP A 516 39.95 4.21 4.99
CA ASP A 516 40.71 4.28 6.24
C ASP A 516 40.74 5.68 6.82
N ASP A 517 39.63 6.40 6.72
CA ASP A 517 39.60 7.74 7.24
C ASP A 517 38.83 7.67 8.54
N SER A 518 39.53 7.98 9.63
CA SER A 518 38.99 7.81 10.96
C SER A 518 37.87 8.82 11.17
N ARG A 519 37.91 9.93 10.44
CA ARG A 519 36.87 10.95 10.54
C ARG A 519 35.50 10.48 10.09
N GLN A 520 35.45 9.35 9.38
CA GLN A 520 34.21 8.83 8.74
C GLN A 520 33.65 7.59 9.48
N LYS A 521 34.13 7.32 10.71
CA LYS A 521 33.71 6.15 11.43
C LYS A 521 32.67 6.50 12.50
N TRP A 522 31.59 5.75 12.46
CA TRP A 522 30.45 5.87 13.39
C TRP A 522 29.97 4.52 13.90
N GLU A 523 29.22 4.57 14.99
CA GLU A 523 28.74 3.39 15.64
C GLU A 523 27.40 3.65 16.34
N GLN A 524 26.53 2.64 16.27
CA GLN A 524 25.31 2.64 17.02
C GLN A 524 25.60 2.38 18.48
N ILE A 525 24.97 3.11 19.35
CA ILE A 525 25.07 2.90 20.78
C ILE A 525 23.70 3.00 21.45
N GLU A 526 23.61 2.49 22.69
CA GLU A 526 22.40 2.54 23.51
C GLU A 526 21.18 1.91 22.85
N GLY A 527 21.30 0.62 22.58
CA GLY A 527 20.22 -0.17 21.95
C GLY A 527 19.87 0.35 20.58
N ASN A 528 20.90 0.77 19.84
CA ASN A 528 20.73 1.27 18.50
C ASN A 528 19.82 2.48 18.49
N SER A 529 20.07 3.42 19.44
CA SER A 529 19.25 4.64 19.52
C SER A 529 19.97 5.94 19.36
N LYS A 530 21.29 5.87 19.14
CA LYS A 530 22.15 7.06 18.93
C LYS A 530 23.26 6.69 18.01
N LEU A 531 23.95 7.70 17.49
CA LEU A 531 25.08 7.44 16.60
C LEU A 531 26.31 8.29 17.08
N ARG A 532 27.35 7.58 17.54
CA ARG A 532 28.55 8.16 18.11
C ARG A 532 29.70 7.99 17.13
N HIS A 533 30.59 8.95 17.15
CA HIS A 533 31.75 8.97 16.31
C HIS A 533 32.78 8.07 16.97
N VAL A 534 33.20 7.07 16.23
CA VAL A 534 34.07 6.05 16.82
C VAL A 534 35.33 6.69 17.40
N GLY A 535 35.63 6.33 18.64
CA GLY A 535 36.81 6.77 19.31
C GLY A 535 36.69 8.10 19.96
N SER A 536 35.47 8.53 20.26
CA SER A 536 35.22 9.86 20.76
C SER A 536 34.04 9.78 21.69
N ASN A 537 33.82 10.87 22.41
CA ASN A 537 32.56 11.14 23.12
C ASN A 537 31.69 12.19 22.37
N LEU A 538 31.70 12.12 21.04
CA LEU A 538 30.84 12.98 20.22
C LEU A 538 29.74 12.17 19.54
N CYS A 539 28.55 12.73 19.58
CA CYS A 539 27.34 12.14 18.99
C CYS A 539 26.73 13.08 17.97
N LEU A 540 26.05 12.47 16.99
CA LEU A 540 25.40 13.19 15.90
C LEU A 540 24.20 13.88 16.51
N ASP A 541 24.02 15.15 16.19
CA ASP A 541 23.11 15.99 16.89
C ASP A 541 22.44 16.94 15.90
N SER A 542 21.10 17.00 15.96
CA SER A 542 20.30 17.90 15.12
C SER A 542 19.99 19.25 15.73
N ARG A 543 20.52 19.55 16.93
CA ARG A 543 20.21 20.85 17.58
C ARG A 543 20.67 22.05 16.73
N THR A 544 21.64 21.86 15.82
CA THR A 544 22.11 22.88 14.91
C THR A 544 21.40 22.92 13.59
N ALA A 545 20.38 22.10 13.41
CA ALA A 545 19.71 22.05 12.10
C ALA A 545 19.16 23.40 11.54
N LYS A 546 18.62 24.25 12.40
CA LYS A 546 18.19 25.58 11.99
C LYS A 546 19.36 26.47 11.61
N SER A 547 20.53 26.16 12.17
CA SER A 547 21.71 27.02 12.12
C SER A 547 22.62 26.55 11.05
N GLY A 548 22.19 25.67 10.15
CA GLY A 548 23.09 25.25 9.10
C GLY A 548 23.31 23.76 8.79
N GLY A 549 22.96 22.83 9.70
CA GLY A 549 23.04 21.36 9.45
C GLY A 549 23.31 20.54 10.68
N LEU A 550 23.58 19.23 10.51
CA LEU A 550 23.85 18.38 11.69
C LEU A 550 25.29 18.57 12.19
N SER A 551 25.47 18.37 13.51
CA SER A 551 26.72 18.59 14.16
C SER A 551 27.18 17.40 14.94
N VAL A 552 28.45 17.45 15.34
CA VAL A 552 28.90 16.61 16.43
C VAL A 552 28.79 17.37 17.74
N GLU A 553 28.31 16.69 18.79
CA GLU A 553 28.09 17.31 20.06
C GLU A 553 28.51 16.29 21.16
N VAL A 554 28.96 16.81 22.30
CA VAL A 554 29.28 15.95 23.44
C VAL A 554 28.05 15.04 23.63
N CYS A 555 28.24 13.74 23.71
CA CYS A 555 27.13 12.82 23.94
C CYS A 555 26.43 13.10 25.26
N GLY A 556 25.10 13.18 25.23
CA GLY A 556 24.30 13.39 26.43
C GLY A 556 22.85 13.06 26.17
N PRO A 557 22.02 13.22 27.19
CA PRO A 557 20.68 12.68 27.11
C PRO A 557 19.75 13.71 26.49
N ALA A 558 19.84 13.78 25.16
CA ALA A 558 19.17 14.80 24.38
C ALA A 558 18.34 14.16 23.25
N LEU A 559 17.12 14.67 23.14
CA LEU A 559 16.22 14.29 22.09
C LEU A 559 16.89 14.41 20.71
N SER A 560 17.59 15.53 20.53
CA SER A 560 18.28 15.81 19.29
C SER A 560 19.46 14.89 18.93
N GLN A 561 19.84 13.99 19.85
CA GLN A 561 20.81 12.96 19.64
C GLN A 561 20.22 11.56 19.44
N GLN A 562 18.89 11.45 19.31
CA GLN A 562 18.29 10.13 19.02
C GLN A 562 18.23 9.90 17.54
N TRP A 563 18.84 8.80 17.09
CA TRP A 563 18.85 8.37 15.72
C TRP A 563 18.76 6.85 15.64
N LYS A 564 17.99 6.32 14.66
CA LYS A 564 17.86 4.89 14.52
C LYS A 564 17.62 4.52 13.03
N PHE A 565 18.44 3.64 12.53
CA PHE A 565 18.29 3.08 11.17
C PHE A 565 17.02 2.26 11.10
N THR A 566 16.34 2.28 9.94
CA THR A 566 15.15 1.48 9.83
C THR A 566 15.42 -0.01 9.77
N LEU A 567 16.59 -0.42 9.27
CA LEU A 567 17.02 -1.81 9.34
C LEU A 567 18.29 -1.94 10.19
N ASN A 568 18.24 -2.81 11.15
CA ASN A 568 19.43 -3.12 11.97
C ASN A 568 19.81 -4.60 11.68
N LEU A 569 20.89 -4.80 10.96
CA LEU A 569 21.30 -6.08 10.45
C LEU A 569 22.26 -6.71 11.47
N GLY B 1 -13.05 -5.26 6.05
CA GLY B 1 -12.42 -4.05 5.57
C GLY B 1 -10.95 -4.21 5.15
N THR B 2 -10.52 -3.31 4.28
CA THR B 2 -9.11 -3.14 3.93
C THR B 2 -8.32 -2.53 5.11
N THR B 3 -7.02 -2.73 5.04
CA THR B 3 -6.02 -2.12 5.90
C THR B 3 -5.89 -0.65 5.54
N PRO B 4 -6.20 0.26 6.57
CA PRO B 4 -6.17 1.67 6.15
C PRO B 4 -4.88 2.05 5.51
N SER B 5 -4.98 2.89 4.51
CA SER B 5 -3.90 3.20 3.62
C SER B 5 -3.81 4.72 3.46
N PRO B 6 -2.56 5.25 3.30
CA PRO B 6 -2.33 6.62 2.92
C PRO B 6 -2.89 7.03 1.51
N VAL B 7 -3.34 8.26 1.35
CA VAL B 7 -3.63 8.87 0.04
C VAL B 7 -2.41 8.84 -0.91
N PRO B 8 -2.57 8.61 -2.21
CA PRO B 8 -1.41 8.49 -3.11
C PRO B 8 -0.64 9.80 -3.30
N THR B 9 0.41 9.88 -2.54
CA THR B 9 1.52 10.99 -2.81
CA THR B 9 1.44 10.85 -2.69
C THR B 9 3.04 10.45 -2.62
N THR B 10 3.97 11.35 -2.70
CA THR B 10 5.33 11.02 -2.52
C THR B 10 6.05 12.28 -2.17
N SER B 11 7.36 12.24 -2.07
CA SER B 11 8.08 13.50 -1.86
C SER B 11 7.78 14.59 -2.92
N THR B 12 7.64 15.87 -2.50
CA THR B 12 7.45 16.96 -3.40
C THR B 12 8.75 17.71 -3.86
N CYS B 13 9.88 17.07 -3.69
CA CYS B 13 11.10 17.53 -4.25
C CYS B 13 11.74 16.30 -4.85
N SER B 14 12.76 16.51 -5.66
CA SER B 14 13.36 15.36 -6.32
C SER B 14 14.78 15.14 -5.74
N ALA B 15 15.16 13.89 -5.81
CA ALA B 15 16.46 13.48 -5.41
C ALA B 15 17.47 14.18 -6.34
N ALA B 16 18.59 14.65 -5.81
#